data_2NW0
#
_entry.id   2NW0
#
_cell.length_a   37.055
_cell.length_b   65.773
_cell.length_c   66.747
_cell.angle_alpha   90.00
_cell.angle_beta   85.08
_cell.angle_gamma   90.00
#
_symmetry.space_group_name_H-M   'P 1 21 1'
#
loop_
_entity.id
_entity.type
_entity.pdbx_description
1 polymer PlyB
2 non-polymer 'ACETATE ION'
3 water water
#
_entity_poly.entity_id   1
_entity_poly.type   'polypeptide(L)'
_entity_poly.pdbx_seq_one_letter_code
;GYIVDMSKWNGSPDWDTAKGQLDLVIARVQDGSNYVDPVYKDYVAAMKARNIPFGSYAFCRFVSVEDAKVEARDFWNRGD
KDSLFWVADVEVTTMSDMRAGTQAFIDELYRLGAKKVGLYVGHHKYEEFGAAQIKCDFTWIPRYGAKPAYPCDLWQYDEY
GQVPGIGKCDLNRLNGDKSLDWFTGKGEE
;
_entity_poly.pdbx_strand_id   A,B
#
# COMPACT_ATOMS: atom_id res chain seq x y z
N GLY A 1 -1.42 24.86 9.40
CA GLY A 1 -2.57 23.97 9.73
C GLY A 1 -2.23 22.84 10.70
N TYR A 2 -3.28 22.26 11.27
CA TYR A 2 -3.14 21.13 12.17
C TYR A 2 -3.74 19.90 11.53
N ILE A 3 -3.29 18.74 11.97
CA ILE A 3 -3.96 17.46 11.68
C ILE A 3 -4.62 17.04 12.96
N VAL A 4 -5.96 17.00 12.94
CA VAL A 4 -6.73 16.87 14.18
C VAL A 4 -7.61 15.64 14.10
N ASP A 5 -7.64 14.84 15.17
CA ASP A 5 -8.66 13.77 15.25
C ASP A 5 -9.82 14.27 16.11
N MET A 6 -11.04 13.99 15.65
CA MET A 6 -12.23 14.57 16.26
C MET A 6 -13.32 13.53 16.49
N SER A 7 -14.24 13.85 17.39
CA SER A 7 -15.35 12.97 17.74
C SER A 7 -16.44 13.84 18.33
N LYS A 8 -17.50 13.20 18.83
CA LYS A 8 -18.56 13.98 19.49
C LYS A 8 -18.05 14.81 20.67
N TRP A 9 -16.88 14.45 21.21
CA TRP A 9 -16.30 15.20 22.31
C TRP A 9 -15.87 16.61 21.92
N ASN A 10 -15.77 16.84 20.61
CA ASN A 10 -15.45 18.19 20.12
C ASN A 10 -16.65 19.10 19.95
N GLY A 11 -17.82 18.63 20.36
CA GLY A 11 -19.00 19.49 20.40
C GLY A 11 -19.41 20.03 19.05
N SER A 12 -19.60 21.35 18.99
CA SER A 12 -20.11 22.04 17.80
C SER A 12 -19.09 23.08 17.29
N PRO A 13 -18.14 22.64 16.44
CA PRO A 13 -17.10 23.57 15.97
C PRO A 13 -17.68 24.70 15.13
N ASP A 14 -16.91 25.78 15.04
CA ASP A 14 -17.18 26.87 14.12
C ASP A 14 -16.38 26.55 12.86
N TRP A 15 -17.01 25.83 11.95
CA TRP A 15 -16.26 25.26 10.84
C TRP A 15 -15.66 26.29 9.88
N ASP A 16 -16.30 27.46 9.76
CA ASP A 16 -15.74 28.52 8.92
C ASP A 16 -14.42 29.04 9.50
N THR A 17 -14.35 29.09 10.82
CA THR A 17 -13.11 29.42 11.51
C THR A 17 -12.11 28.27 11.48
N ALA A 18 -12.59 27.05 11.72
CA ALA A 18 -11.71 25.88 11.72
C ALA A 18 -11.07 25.62 10.35
N LYS A 19 -11.78 25.98 9.28
CA LYS A 19 -11.29 25.79 7.90
C LYS A 19 -9.84 26.22 7.71
N GLY A 20 -9.54 27.45 8.11
CA GLY A 20 -8.19 28.00 7.91
C GLY A 20 -7.14 27.39 8.82
N GLN A 21 -7.60 26.60 9.79
CA GLN A 21 -6.71 25.94 10.74
C GLN A 21 -6.38 24.48 10.46
N LEU A 22 -7.10 23.88 9.52
CA LEU A 22 -7.07 22.44 9.36
C LEU A 22 -6.42 21.95 8.07
N ASP A 23 -5.37 21.14 8.21
CA ASP A 23 -4.78 20.40 7.08
C ASP A 23 -5.59 19.15 6.78
N LEU A 24 -6.08 18.51 7.83
CA LEU A 24 -6.72 17.20 7.69
C LEU A 24 -7.40 16.87 9.00
N VAL A 25 -8.57 16.24 8.90
CA VAL A 25 -9.32 15.79 10.08
C VAL A 25 -9.49 14.28 10.02
N ILE A 26 -9.42 13.61 11.17
CA ILE A 26 -9.80 12.18 11.20
C ILE A 26 -10.93 12.05 12.22
N ALA A 27 -12.16 11.79 11.75
CA ALA A 27 -13.34 11.86 12.62
C ALA A 27 -13.78 10.45 13.00
N ARG A 28 -14.30 10.36 14.22
CA ARG A 28 -14.70 9.06 14.78
C ARG A 28 -16.08 8.66 14.27
N VAL A 29 -16.16 7.42 13.77
CA VAL A 29 -17.43 6.86 13.28
C VAL A 29 -18.18 6.09 14.37
N GLN A 30 -17.44 5.30 15.13
CA GLN A 30 -18.04 4.46 16.15
C GLN A 30 -17.02 4.09 17.23
N ASP A 31 -17.54 3.70 18.39
CA ASP A 31 -16.75 2.99 19.41
C ASP A 31 -17.32 1.58 19.53
N GLY A 32 -16.68 0.63 18.86
CA GLY A 32 -17.22 -0.72 18.72
C GLY A 32 -18.47 -0.74 17.85
N SER A 33 -19.08 -1.91 17.74
CA SER A 33 -20.27 -2.10 16.88
C SER A 33 -21.50 -1.36 17.39
N ASN A 34 -21.52 -1.01 18.66
CA ASN A 34 -22.78 -0.62 19.29
C ASN A 34 -22.82 0.80 19.87
N TYR A 35 -21.83 1.60 19.50
CA TYR A 35 -21.91 3.03 19.78
C TYR A 35 -21.62 3.80 18.51
N VAL A 36 -22.65 4.45 17.96
CA VAL A 36 -22.47 5.27 16.78
C VAL A 36 -22.17 6.69 17.23
N ASP A 37 -21.08 7.27 16.73
CA ASP A 37 -20.75 8.65 17.12
C ASP A 37 -21.84 9.57 16.53
N PRO A 38 -22.53 10.33 17.40
CA PRO A 38 -23.68 11.11 16.96
C PRO A 38 -23.40 12.43 16.20
N VAL A 39 -22.13 12.85 16.13
CA VAL A 39 -21.81 14.08 15.37
C VAL A 39 -21.11 13.83 14.03
N TYR A 40 -20.64 12.60 13.84
CA TYR A 40 -19.87 12.26 12.65
C TYR A 40 -20.51 12.75 11.36
N LYS A 41 -21.77 12.39 11.12
CA LYS A 41 -22.38 12.74 9.83
C LYS A 41 -22.47 14.25 9.66
N ASP A 42 -22.74 14.96 10.76
CA ASP A 42 -22.78 16.45 10.75
C ASP A 42 -21.41 17.04 10.46
N TYR A 43 -20.39 16.47 11.10
CA TYR A 43 -19.02 16.94 10.83
C TYR A 43 -18.65 16.74 9.37
N VAL A 44 -18.92 15.55 8.85
CA VAL A 44 -18.59 15.26 7.45
C VAL A 44 -19.32 16.21 6.48
N ALA A 45 -20.62 16.45 6.72
CA ALA A 45 -21.38 17.42 5.90
C ALA A 45 -20.70 18.80 5.88
N ALA A 46 -20.31 19.24 7.07
CA ALA A 46 -19.66 20.56 7.23
C ALA A 46 -18.31 20.62 6.55
N MET A 47 -17.54 19.54 6.65
CA MET A 47 -16.20 19.54 6.05
C MET A 47 -16.30 19.43 4.53
N LYS A 48 -17.24 18.64 4.03
CA LYS A 48 -17.39 18.56 2.57
C LYS A 48 -17.76 19.90 2.00
N ALA A 49 -18.67 20.60 2.66
CA ALA A 49 -19.13 21.90 2.14
C ALA A 49 -17.97 22.88 2.05
N ARG A 50 -17.01 22.73 2.97
CA ARG A 50 -15.89 23.64 3.11
C ARG A 50 -14.58 23.12 2.51
N ASN A 51 -14.63 21.93 1.94
CA ASN A 51 -13.46 21.29 1.34
C ASN A 51 -12.33 21.10 2.35
N ILE A 52 -12.72 20.65 3.55
CA ILE A 52 -11.77 20.30 4.59
C ILE A 52 -11.49 18.81 4.41
N PRO A 53 -10.23 18.43 4.16
CA PRO A 53 -9.91 17.02 3.91
C PRO A 53 -10.14 16.19 5.16
N PHE A 54 -10.72 15.01 5.01
CA PHE A 54 -10.95 14.13 6.16
C PHE A 54 -10.81 12.64 5.85
N GLY A 55 -10.40 11.93 6.90
CA GLY A 55 -10.49 10.47 6.93
C GLY A 55 -11.33 10.10 8.15
N SER A 56 -11.44 8.79 8.42
CA SER A 56 -12.35 8.33 9.47
C SER A 56 -11.66 7.31 10.36
N TYR A 57 -12.02 7.25 11.64
CA TYR A 57 -11.52 6.21 12.52
C TYR A 57 -12.61 5.52 13.32
N ALA A 58 -12.31 4.31 13.81
CA ALA A 58 -13.25 3.61 14.69
C ALA A 58 -12.42 3.08 15.84
N PHE A 59 -12.94 3.21 17.06
CA PHE A 59 -12.35 2.54 18.21
C PHE A 59 -12.80 1.09 18.17
N CYS A 60 -11.82 0.19 18.26
CA CYS A 60 -12.05 -1.25 18.14
C CYS A 60 -12.34 -1.93 19.46
N ARG A 61 -13.30 -2.86 19.43
CA ARG A 61 -13.73 -3.59 20.62
C ARG A 61 -13.90 -5.10 20.32
N PHE A 62 -13.31 -5.59 19.22
CA PHE A 62 -13.59 -6.95 18.74
C PHE A 62 -13.04 -8.06 19.66
N VAL A 63 -13.76 -9.17 19.72
CA VAL A 63 -13.41 -10.25 20.64
C VAL A 63 -13.00 -11.53 19.91
N SER A 64 -13.03 -11.49 18.57
CA SER A 64 -12.62 -12.61 17.76
C SER A 64 -12.42 -12.15 16.33
N VAL A 65 -11.89 -13.04 15.49
CA VAL A 65 -11.64 -12.70 14.08
C VAL A 65 -12.95 -12.39 13.35
N GLU A 66 -13.93 -13.26 13.55
CA GLU A 66 -15.20 -13.09 12.84
C GLU A 66 -15.97 -11.89 13.40
N ASP A 67 -15.83 -11.62 14.70
CA ASP A 67 -16.43 -10.43 15.28
C ASP A 67 -15.73 -9.14 14.74
N ALA A 68 -14.41 -9.21 14.52
CA ALA A 68 -13.68 -8.07 13.93
C ALA A 68 -14.22 -7.73 12.55
N LYS A 69 -14.59 -8.76 11.78
CA LYS A 69 -15.12 -8.50 10.44
C LYS A 69 -16.45 -7.76 10.52
N VAL A 70 -17.30 -8.13 11.47
CA VAL A 70 -18.59 -7.46 11.62
C VAL A 70 -18.36 -5.99 12.00
N GLU A 71 -17.46 -5.78 12.95
CA GLU A 71 -17.19 -4.43 13.43
C GLU A 71 -16.66 -3.56 12.29
N ALA A 72 -15.81 -4.14 11.45
CA ALA A 72 -15.26 -3.39 10.30
C ALA A 72 -16.35 -3.03 9.29
N ARG A 73 -17.27 -3.97 9.07
CA ARG A 73 -18.35 -3.74 8.12
C ARG A 73 -19.25 -2.65 8.66
N ASP A 74 -19.50 -2.64 9.97
CA ASP A 74 -20.26 -1.52 10.57
C ASP A 74 -19.58 -0.17 10.34
N PHE A 75 -18.27 -0.15 10.59
CA PHE A 75 -17.44 1.05 10.40
C PHE A 75 -17.55 1.57 8.97
N TRP A 76 -17.34 0.68 8.00
CA TRP A 76 -17.40 1.04 6.60
C TRP A 76 -18.78 1.60 6.23
N ASN A 77 -19.84 0.91 6.65
CA ASN A 77 -21.22 1.33 6.26
C ASN A 77 -21.66 2.66 6.90
N ARG A 78 -21.24 2.89 8.13
CA ARG A 78 -21.55 4.11 8.86
C ARG A 78 -20.67 5.29 8.47
N GLY A 79 -19.48 4.99 7.93
CA GLY A 79 -18.48 6.01 7.58
C GLY A 79 -18.78 6.57 6.20
N ASP A 80 -18.30 7.79 5.93
CA ASP A 80 -18.53 8.40 4.63
C ASP A 80 -17.59 7.88 3.56
N LYS A 81 -18.14 7.59 2.38
CA LYS A 81 -17.35 6.97 1.32
C LYS A 81 -16.32 7.92 0.72
N ASP A 82 -16.43 9.21 1.04
CA ASP A 82 -15.44 10.17 0.55
C ASP A 82 -14.26 10.26 1.52
N SER A 83 -14.31 9.46 2.60
CA SER A 83 -13.16 9.39 3.50
C SER A 83 -11.88 9.14 2.72
N LEU A 84 -10.83 9.89 3.02
CA LEU A 84 -9.54 9.71 2.34
C LEU A 84 -8.83 8.41 2.76
N PHE A 85 -9.17 7.91 3.95
CA PHE A 85 -8.60 6.69 4.50
C PHE A 85 -9.42 6.31 5.73
N TRP A 86 -9.13 5.13 6.28
CA TRP A 86 -9.95 4.52 7.33
C TRP A 86 -9.00 4.00 8.38
N VAL A 87 -9.24 4.31 9.64
CA VAL A 87 -8.27 3.93 10.67
C VAL A 87 -8.88 3.01 11.71
N ALA A 88 -8.19 1.89 11.96
CA ALA A 88 -8.50 1.02 13.09
C ALA A 88 -7.78 1.55 14.31
N ASP A 89 -8.53 1.89 15.36
CA ASP A 89 -7.95 2.45 16.59
C ASP A 89 -8.01 1.35 17.64
N VAL A 90 -6.85 0.74 17.89
CA VAL A 90 -6.73 -0.41 18.78
C VAL A 90 -5.95 -0.05 20.05
N GLU A 91 -6.62 -0.04 21.20
CA GLU A 91 -5.97 0.45 22.42
C GLU A 91 -6.17 -0.48 23.62
N VAL A 92 -7.19 -1.34 23.52
CA VAL A 92 -7.59 -2.24 24.62
C VAL A 92 -7.46 -3.69 24.13
N THR A 93 -7.00 -4.57 25.03
CA THR A 93 -6.85 -5.97 24.70
C THR A 93 -8.23 -6.61 24.83
N THR A 94 -8.99 -6.55 23.74
CA THR A 94 -10.36 -7.08 23.75
C THR A 94 -10.47 -8.57 23.35
N MET A 95 -9.40 -9.08 22.75
CA MET A 95 -9.21 -10.52 22.55
C MET A 95 -7.73 -10.81 22.69
N SER A 96 -7.38 -12.05 23.02
CA SER A 96 -5.97 -12.31 23.31
C SER A 96 -5.08 -12.03 22.09
N ASP A 97 -5.48 -12.58 20.94
CA ASP A 97 -4.62 -12.49 19.76
C ASP A 97 -5.02 -11.25 18.99
N MET A 98 -4.52 -10.12 19.50
CA MET A 98 -4.89 -8.84 18.90
C MET A 98 -4.38 -8.64 17.49
N ARG A 99 -3.24 -9.24 17.13
CA ARG A 99 -2.73 -9.08 15.76
C ARG A 99 -3.71 -9.74 14.80
N ALA A 100 -4.19 -10.93 15.14
CA ALA A 100 -5.12 -11.61 14.22
C ALA A 100 -6.43 -10.82 14.06
N GLY A 101 -6.96 -10.32 15.18
CA GLY A 101 -8.23 -9.57 15.12
C GLY A 101 -8.03 -8.29 14.35
N THR A 102 -6.93 -7.59 14.64
CA THR A 102 -6.68 -6.33 13.94
C THR A 102 -6.53 -6.53 12.43
N GLN A 103 -5.76 -7.55 12.03
CA GLN A 103 -5.58 -7.81 10.60
C GLN A 103 -6.90 -8.21 9.92
N ALA A 104 -7.74 -8.94 10.64
CA ALA A 104 -9.05 -9.30 10.09
C ALA A 104 -9.94 -8.04 9.89
N PHE A 105 -9.93 -7.15 10.87
CA PHE A 105 -10.64 -5.86 10.78
C PHE A 105 -10.18 -5.10 9.54
N ILE A 106 -8.87 -4.92 9.42
CA ILE A 106 -8.28 -4.23 8.28
C ILE A 106 -8.65 -4.90 6.96
N ASP A 107 -8.45 -6.21 6.91
CA ASP A 107 -8.74 -6.94 5.68
C ASP A 107 -10.18 -6.82 5.25
N GLU A 108 -11.12 -6.79 6.20
CA GLU A 108 -12.53 -6.61 5.83
C GLU A 108 -12.76 -5.22 5.21
N LEU A 109 -12.11 -4.20 5.76
CA LEU A 109 -12.20 -2.85 5.15
C LEU A 109 -11.73 -2.91 3.70
N TYR A 110 -10.57 -3.51 3.46
CA TYR A 110 -10.08 -3.60 2.08
C TYR A 110 -11.07 -4.35 1.18
N ARG A 111 -11.61 -5.48 1.67
CA ARG A 111 -12.53 -6.25 0.88
C ARG A 111 -13.78 -5.45 0.50
N LEU A 112 -14.21 -4.58 1.42
CA LEU A 112 -15.41 -3.76 1.23
C LEU A 112 -15.17 -2.63 0.23
N GLY A 113 -13.90 -2.31 -0.04
CA GLY A 113 -13.59 -1.24 -0.97
C GLY A 113 -12.67 -0.15 -0.47
N ALA A 114 -12.30 -0.20 0.80
CA ALA A 114 -11.36 0.78 1.35
C ALA A 114 -10.03 0.73 0.59
N LYS A 115 -9.54 1.89 0.18
CA LYS A 115 -8.25 1.94 -0.51
C LYS A 115 -7.08 2.17 0.42
N LYS A 116 -7.30 2.93 1.48
CA LYS A 116 -6.19 3.26 2.37
C LYS A 116 -6.65 3.02 3.79
N VAL A 117 -5.91 2.18 4.52
CA VAL A 117 -6.30 1.81 5.88
C VAL A 117 -5.10 2.01 6.79
N GLY A 118 -5.33 2.65 7.93
CA GLY A 118 -4.25 2.92 8.88
C GLY A 118 -4.54 2.25 10.20
N LEU A 119 -3.48 2.15 11.00
CA LEU A 119 -3.56 1.55 12.32
C LEU A 119 -3.11 2.56 13.35
N TYR A 120 -4.02 2.94 14.27
CA TYR A 120 -3.63 3.74 15.43
C TYR A 120 -3.48 2.77 16.58
N VAL A 121 -2.31 2.71 17.19
CA VAL A 121 -2.13 1.75 18.26
C VAL A 121 -1.74 2.48 19.54
N GLY A 122 -2.38 2.10 20.64
CA GLY A 122 -2.25 2.82 21.89
C GLY A 122 -0.85 2.79 22.39
N HIS A 123 -0.58 3.65 23.36
CA HIS A 123 0.76 3.74 23.89
C HIS A 123 1.08 2.43 24.55
N HIS A 124 2.27 1.89 24.28
CA HIS A 124 2.77 0.65 24.90
C HIS A 124 2.23 -0.61 24.23
N LYS A 125 1.34 -0.44 23.25
CA LYS A 125 0.69 -1.59 22.61
C LYS A 125 1.30 -2.02 21.28
N TYR A 126 2.20 -1.19 20.73
CA TYR A 126 2.86 -1.54 19.47
C TYR A 126 3.38 -2.98 19.43
N GLU A 127 4.17 -3.35 20.43
CA GLU A 127 4.69 -4.72 20.50
C GLU A 127 3.67 -5.72 21.00
N GLU A 128 2.81 -5.31 21.94
CA GLU A 128 1.80 -6.23 22.48
C GLU A 128 0.92 -6.76 21.37
N PHE A 129 0.46 -5.85 20.51
CA PHE A 129 -0.54 -6.20 19.49
C PHE A 129 0.12 -6.63 18.16
N GLY A 130 1.44 -6.74 18.15
CA GLY A 130 2.16 -7.17 16.95
C GLY A 130 2.01 -6.21 15.77
N ALA A 131 1.95 -4.91 16.05
CA ALA A 131 1.77 -3.92 15.00
C ALA A 131 2.79 -3.98 13.84
N ALA A 132 4.04 -4.35 14.14
CA ALA A 132 5.05 -4.49 13.08
C ALA A 132 4.66 -5.52 12.02
N GLN A 133 3.83 -6.49 12.41
CA GLN A 133 3.43 -7.59 11.53
C GLN A 133 2.15 -7.28 10.78
N ILE A 134 1.48 -6.19 11.12
CA ILE A 134 0.21 -5.83 10.50
C ILE A 134 0.46 -5.29 9.09
N LYS A 135 -0.35 -5.74 8.13
CA LYS A 135 -0.23 -5.26 6.77
C LYS A 135 -1.30 -4.21 6.56
N CYS A 136 -0.89 -2.95 6.52
CA CYS A 136 -1.78 -1.85 6.23
C CYS A 136 -0.96 -0.69 5.70
N ASP A 137 -1.64 0.41 5.36
CA ASP A 137 -0.97 1.49 4.62
C ASP A 137 -0.13 2.41 5.49
N PHE A 138 -0.58 2.68 6.71
CA PHE A 138 0.18 3.54 7.61
C PHE A 138 -0.11 3.25 9.07
N THR A 139 0.78 3.72 9.94
CA THR A 139 0.60 3.55 11.38
C THR A 139 0.62 4.93 12.04
N TRP A 140 -0.01 5.00 13.21
CA TRP A 140 -0.26 6.25 13.88
C TRP A 140 -0.13 5.92 15.38
N ILE A 141 0.71 6.68 16.08
CA ILE A 141 0.97 6.36 17.49
C ILE A 141 0.95 7.62 18.35
N PRO A 142 0.35 7.54 19.56
CA PRO A 142 0.43 8.65 20.52
C PRO A 142 1.66 8.61 21.43
N ARG A 143 2.25 9.78 21.65
CA ARG A 143 3.21 9.96 22.72
C ARG A 143 3.25 11.44 22.98
N TYR A 144 2.98 11.81 24.22
CA TYR A 144 2.81 13.20 24.53
C TYR A 144 4.08 13.79 25.08
N GLY A 145 4.52 14.87 24.42
CA GLY A 145 5.71 15.60 24.83
C GLY A 145 6.99 15.13 24.19
N ALA A 146 6.96 13.95 23.55
CA ALA A 146 8.17 13.31 23.05
C ALA A 146 7.85 12.40 21.85
N LYS A 147 8.82 12.25 20.95
CA LYS A 147 8.63 11.44 19.74
C LYS A 147 8.50 9.96 20.12
N PRO A 148 7.56 9.24 19.48
CA PRO A 148 7.45 7.81 19.81
C PRO A 148 8.73 7.05 19.53
N ALA A 149 8.94 6.00 20.33
CA ALA A 149 10.11 5.15 20.21
C ALA A 149 9.92 4.13 19.09
N TYR A 150 8.74 4.10 18.49
CA TYR A 150 8.39 3.19 17.41
C TYR A 150 8.08 3.97 16.13
N PRO A 151 8.29 3.35 14.96
CA PRO A 151 8.01 4.05 13.70
C PRO A 151 6.54 4.36 13.52
N CYS A 152 6.24 5.55 12.99
CA CYS A 152 4.85 5.85 12.67
C CYS A 152 4.79 6.97 11.67
N ASP A 153 3.82 6.88 10.77
CA ASP A 153 3.65 7.94 9.79
C ASP A 153 2.93 9.16 10.32
N LEU A 154 2.12 8.95 11.36
CA LEU A 154 1.43 10.02 12.05
C LEU A 154 1.70 9.86 13.54
N TRP A 155 1.93 10.98 14.21
CA TRP A 155 2.29 10.98 15.63
C TRP A 155 1.30 11.88 16.35
N GLN A 156 0.52 11.34 17.29
CA GLN A 156 -0.40 12.18 18.07
C GLN A 156 0.41 12.73 19.23
N TYR A 157 0.63 14.04 19.25
CA TYR A 157 1.60 14.58 20.22
C TYR A 157 1.01 15.42 21.31
N ASP A 158 -0.28 15.71 21.24
CA ASP A 158 -0.88 16.56 22.27
C ASP A 158 -2.35 16.27 22.34
N GLU A 159 -2.84 15.98 23.55
CA GLU A 159 -4.28 15.76 23.77
C GLU A 159 -4.95 17.03 24.28
N TYR A 160 -4.14 18.06 24.51
CA TYR A 160 -4.66 19.32 25.03
C TYR A 160 -4.38 20.49 24.12
N GLY A 161 -4.33 20.22 22.81
CA GLY A 161 -4.16 21.28 21.85
C GLY A 161 -5.33 22.23 21.92
N GLN A 162 -5.12 23.44 21.43
CA GLN A 162 -6.16 24.46 21.34
C GLN A 162 -6.14 25.02 19.93
N VAL A 163 -7.23 24.79 19.20
CA VAL A 163 -7.31 25.20 17.80
C VAL A 163 -8.50 26.15 17.60
N PRO A 164 -8.26 27.32 16.99
CA PRO A 164 -9.33 28.26 16.71
C PRO A 164 -10.48 27.56 15.97
N GLY A 165 -11.71 27.75 16.48
CA GLY A 165 -12.92 27.17 15.86
C GLY A 165 -13.30 25.82 16.44
N ILE A 166 -12.38 25.23 17.20
CA ILE A 166 -12.60 23.90 17.77
C ILE A 166 -12.45 23.85 19.30
N GLY A 167 -11.40 24.49 19.81
CA GLY A 167 -11.12 24.45 21.25
C GLY A 167 -10.13 23.32 21.55
N LYS A 168 -10.33 22.65 22.69
CA LYS A 168 -9.48 21.53 23.09
C LYS A 168 -9.54 20.43 22.04
N CYS A 169 -8.35 19.96 21.61
N CYS A 169 -8.38 19.93 21.64
CA CYS A 169 -8.23 19.10 20.42
CA CYS A 169 -8.40 18.77 20.75
C CYS A 169 -6.96 18.22 20.40
C CYS A 169 -7.05 18.07 20.71
N ASP A 170 -7.09 16.94 20.00
CA ASP A 170 -5.93 16.06 19.77
C ASP A 170 -5.19 16.52 18.52
N LEU A 171 -3.90 16.79 18.67
CA LEU A 171 -3.05 17.27 17.58
C LEU A 171 -2.08 16.18 17.13
N ASN A 172 -1.86 16.12 15.82
CA ASN A 172 -1.01 15.12 15.17
C ASN A 172 -0.05 15.74 14.20
N ARG A 173 1.11 15.10 13.99
CA ARG A 173 2.08 15.56 12.99
CA ARG A 173 2.04 15.58 12.96
C ARG A 173 2.56 14.39 12.17
N LEU A 174 2.94 14.65 10.93
CA LEU A 174 3.56 13.63 10.11
C LEU A 174 4.92 13.29 10.71
N ASN A 175 5.28 12.01 10.65
CA ASN A 175 6.49 11.54 11.39
C ASN A 175 7.25 10.40 10.69
N GLY A 176 6.85 10.11 9.44
CA GLY A 176 7.34 8.94 8.74
C GLY A 176 7.75 9.29 7.34
N ASP A 177 7.44 8.40 6.39
CA ASP A 177 7.87 8.62 5.01
C ASP A 177 6.70 8.89 4.08
N LYS A 178 5.59 9.36 4.66
CA LYS A 178 4.41 9.74 3.85
C LYS A 178 4.21 11.23 4.00
N SER A 179 3.97 11.89 2.87
CA SER A 179 3.75 13.34 2.87
C SER A 179 2.29 13.67 3.09
N LEU A 180 2.00 14.96 3.28
CA LEU A 180 0.61 15.32 3.46
C LEU A 180 -0.17 14.97 2.19
N ASP A 181 0.45 15.19 1.02
CA ASP A 181 -0.16 14.87 -0.29
C ASP A 181 -0.55 13.40 -0.40
N TRP A 182 0.25 12.54 0.23
CA TRP A 182 -0.06 11.10 0.26
C TRP A 182 -1.44 10.89 0.87
N PHE A 183 -1.73 11.65 1.94
CA PHE A 183 -3.03 11.54 2.63
C PHE A 183 -4.16 12.26 1.91
N THR A 184 -3.91 13.47 1.43
CA THR A 184 -4.99 14.29 0.88
C THR A 184 -5.21 14.15 -0.64
N GLY A 185 -4.18 13.72 -1.37
CA GLY A 185 -4.23 13.63 -2.83
C GLY A 185 -4.00 14.94 -3.54
N LYS A 186 -3.70 15.98 -2.75
CA LYS A 186 -3.37 17.27 -3.32
C LYS A 186 -1.99 17.19 -3.97
N GLY A 187 -1.57 18.30 -4.59
CA GLY A 187 -0.26 18.35 -5.22
C GLY A 187 -0.05 19.76 -5.68
N GLU A 188 1.16 20.26 -5.51
CA GLU A 188 1.45 21.62 -5.87
C GLU A 188 2.85 21.72 -6.47
N GLU A 189 2.93 22.31 -7.66
CA GLU A 189 4.22 22.58 -8.33
C GLU A 189 3.99 23.44 -9.57
N GLY B 1 14.63 9.95 -15.24
CA GLY B 1 13.48 9.11 -14.81
C GLY B 1 13.86 7.92 -13.93
N TYR B 2 12.86 7.32 -13.31
CA TYR B 2 13.06 6.17 -12.44
C TYR B 2 12.41 4.94 -13.06
N ILE B 3 12.91 3.77 -12.68
CA ILE B 3 12.28 2.49 -13.02
C ILE B 3 11.75 1.97 -11.68
N VAL B 4 10.43 1.93 -11.55
CA VAL B 4 9.79 1.69 -10.26
C VAL B 4 8.88 0.46 -10.37
N ASP B 5 8.99 -0.48 -9.42
CA ASP B 5 7.99 -1.55 -9.36
C ASP B 5 6.89 -1.11 -8.37
N MET B 6 5.64 -1.35 -8.73
CA MET B 6 4.52 -0.80 -7.98
C MET B 6 3.46 -1.87 -7.69
N SER B 7 2.61 -1.59 -6.70
CA SER B 7 1.55 -2.50 -6.29
C SER B 7 0.52 -1.67 -5.52
N LYS B 8 -0.49 -2.35 -4.99
CA LYS B 8 -1.51 -1.63 -4.24
C LYS B 8 -0.92 -0.82 -3.09
N TRP B 9 0.28 -1.20 -2.62
CA TRP B 9 0.91 -0.47 -1.50
C TRP B 9 1.40 0.92 -1.89
N ASN B 10 1.43 1.20 -3.19
CA ASN B 10 1.76 2.58 -3.63
C ASN B 10 0.59 3.55 -3.59
N GLY B 11 -0.55 3.10 -3.06
CA GLY B 11 -1.68 3.98 -2.82
C GLY B 11 -2.27 4.54 -4.10
N SER B 12 -2.45 5.87 -4.11
CA SER B 12 -3.12 6.54 -5.23
C SER B 12 -2.18 7.62 -5.73
N PRO B 13 -1.24 7.24 -6.63
CA PRO B 13 -0.26 8.18 -7.14
C PRO B 13 -0.87 9.38 -7.84
N ASP B 14 -0.16 10.50 -7.80
CA ASP B 14 -0.48 11.62 -8.63
C ASP B 14 0.18 11.34 -9.97
N TRP B 15 -0.59 10.77 -10.90
CA TRP B 15 -0.01 10.34 -12.18
C TRP B 15 0.47 11.46 -13.10
N ASP B 16 -0.12 12.64 -12.98
CA ASP B 16 0.36 13.77 -13.75
C ASP B 16 1.77 14.14 -13.31
N THR B 17 2.05 14.14 -12.01
CA THR B 17 3.41 14.37 -11.54
C THR B 17 4.31 13.19 -11.92
N ALA B 18 3.82 11.98 -11.66
CA ALA B 18 4.63 10.78 -11.89
C ALA B 18 5.03 10.59 -13.35
N LYS B 19 4.17 10.99 -14.29
CA LYS B 19 4.51 10.85 -15.70
C LYS B 19 5.89 11.44 -16.01
N GLY B 20 6.22 12.61 -15.45
CA GLY B 20 7.53 13.25 -15.71
C GLY B 20 8.70 12.61 -14.98
N GLN B 21 8.40 11.67 -14.09
CA GLN B 21 9.42 11.04 -13.25
C GLN B 21 9.74 9.63 -13.71
N LEU B 22 8.85 9.04 -14.50
CA LEU B 22 8.93 7.61 -14.76
C LEU B 22 9.51 7.23 -16.12
N ASP B 23 10.56 6.40 -16.10
CA ASP B 23 11.07 5.76 -17.32
C ASP B 23 10.26 4.51 -17.61
N LEU B 24 9.90 3.79 -16.54
CA LEU B 24 9.27 2.48 -16.68
C LEU B 24 8.65 2.09 -15.35
N VAL B 25 7.50 1.43 -15.42
CA VAL B 25 6.82 0.89 -14.22
C VAL B 25 6.67 -0.62 -14.40
N ILE B 26 6.84 -1.37 -13.32
CA ILE B 26 6.45 -2.79 -13.34
C ILE B 26 5.42 -2.99 -12.24
N ALA B 27 4.17 -3.25 -12.64
CA ALA B 27 3.06 -3.27 -11.68
C ALA B 27 2.61 -4.69 -11.35
N ARG B 28 2.23 -4.89 -10.10
CA ARG B 28 1.83 -6.24 -9.62
C ARG B 28 0.41 -6.57 -10.05
N VAL B 29 0.25 -7.76 -10.63
CA VAL B 29 -1.08 -8.25 -11.03
C VAL B 29 -1.72 -9.11 -9.94
N GLN B 30 -0.90 -9.96 -9.34
CA GLN B 30 -1.43 -10.92 -8.35
C GLN B 30 -0.33 -11.39 -7.41
N ASP B 31 -0.77 -11.94 -6.29
CA ASP B 31 0.10 -12.72 -5.41
C ASP B 31 -0.49 -14.13 -5.34
N GLY B 32 0.08 -15.03 -6.14
CA GLY B 32 -0.54 -16.37 -6.32
C GLY B 32 -1.88 -16.24 -7.04
N SER B 33 -2.60 -17.36 -7.13
CA SER B 33 -3.84 -17.41 -7.92
C SER B 33 -5.02 -16.71 -7.24
N ASN B 34 -4.93 -16.50 -5.94
CA ASN B 34 -6.09 -16.02 -5.18
C ASN B 34 -5.95 -14.69 -4.45
N TYR B 35 -4.95 -13.90 -4.85
CA TYR B 35 -4.95 -12.50 -4.44
C TYR B 35 -4.76 -11.68 -5.71
N VAL B 36 -5.81 -10.97 -6.11
CA VAL B 36 -5.77 -10.09 -7.26
C VAL B 36 -5.40 -8.68 -6.76
N ASP B 37 -4.35 -8.08 -7.31
CA ASP B 37 -3.98 -6.75 -6.83
C ASP B 37 -5.07 -5.72 -7.20
N PRO B 38 -5.66 -5.04 -6.17
CA PRO B 38 -6.83 -4.19 -6.41
C PRO B 38 -6.60 -2.84 -7.08
N VAL B 39 -5.33 -2.43 -7.28
CA VAL B 39 -5.07 -1.16 -7.98
C VAL B 39 -4.51 -1.37 -9.38
N TYR B 40 -4.14 -2.61 -9.74
CA TYR B 40 -3.46 -2.85 -11.02
C TYR B 40 -4.24 -2.26 -12.20
N LYS B 41 -5.52 -2.58 -12.30
CA LYS B 41 -6.30 -2.08 -13.45
C LYS B 41 -6.32 -0.56 -13.52
N ASP B 42 -6.45 0.09 -12.36
CA ASP B 42 -6.48 1.54 -12.28
C ASP B 42 -5.13 2.16 -12.69
N TYR B 43 -4.05 1.54 -12.22
CA TYR B 43 -2.70 2.02 -12.54
C TYR B 43 -2.51 1.91 -14.04
N VAL B 44 -2.86 0.76 -14.61
CA VAL B 44 -2.69 0.56 -16.06
C VAL B 44 -3.52 1.57 -16.87
N ALA B 45 -4.75 1.85 -16.45
CA ALA B 45 -5.54 2.85 -17.17
C ALA B 45 -4.84 4.22 -17.14
N ALA B 46 -4.30 4.56 -15.97
CA ALA B 46 -3.62 5.83 -15.73
C ALA B 46 -2.37 5.93 -16.60
N MET B 47 -1.64 4.81 -16.68
CA MET B 47 -0.40 4.81 -17.46
C MET B 47 -0.68 4.82 -18.95
N LYS B 48 -1.65 4.05 -19.40
CA LYS B 48 -1.99 4.07 -20.82
C LYS B 48 -2.34 5.50 -21.26
N ALA B 49 -3.17 6.17 -20.46
CA ALA B 49 -3.66 7.52 -20.82
C ALA B 49 -2.53 8.53 -20.94
N ARG B 50 -1.43 8.22 -20.26
CA ARG B 50 -0.29 9.13 -20.22
C ARG B 50 0.96 8.62 -20.94
N ASN B 51 0.81 7.51 -21.66
CA ASN B 51 1.93 6.83 -22.34
C ASN B 51 3.13 6.62 -21.41
N ILE B 52 2.83 6.15 -20.20
CA ILE B 52 3.88 5.69 -19.30
C ILE B 52 4.12 4.20 -19.60
N PRO B 53 5.34 3.85 -20.02
CA PRO B 53 5.65 2.45 -20.36
C PRO B 53 5.54 1.60 -19.13
N PHE B 54 4.92 0.42 -19.25
CA PHE B 54 4.85 -0.49 -18.13
C PHE B 54 4.97 -1.95 -18.54
N GLY B 55 5.51 -2.75 -17.61
CA GLY B 55 5.35 -4.21 -17.63
C GLY B 55 4.61 -4.67 -16.38
N SER B 56 4.50 -5.99 -16.21
CA SER B 56 3.69 -6.53 -15.12
C SER B 56 4.46 -7.62 -14.41
N TYR B 57 4.17 -7.80 -13.14
CA TYR B 57 4.76 -8.92 -12.39
C TYR B 57 3.73 -9.66 -11.54
N ALA B 58 4.06 -10.90 -11.20
CA ALA B 58 3.20 -11.69 -10.32
C ALA B 58 4.09 -12.32 -9.28
N PHE B 59 3.68 -12.25 -8.02
CA PHE B 59 4.34 -13.01 -6.99
C PHE B 59 3.88 -14.46 -7.09
N CYS B 60 4.84 -15.37 -7.14
CA CYS B 60 4.56 -16.79 -7.35
C CYS B 60 4.36 -17.58 -6.06
N ARG B 61 3.37 -18.47 -6.09
CA ARG B 61 3.09 -19.32 -4.92
C ARG B 61 2.82 -20.77 -5.31
N PHE B 62 3.36 -21.19 -6.45
CA PHE B 62 2.96 -22.47 -7.05
C PHE B 62 3.54 -23.68 -6.28
N VAL B 63 2.82 -24.80 -6.30
CA VAL B 63 3.23 -25.94 -5.50
C VAL B 63 3.59 -27.15 -6.38
N SER B 64 3.45 -26.98 -7.70
CA SER B 64 3.73 -28.07 -8.64
C SER B 64 3.80 -27.50 -10.04
N VAL B 65 4.28 -28.29 -11.00
CA VAL B 65 4.35 -27.86 -12.38
C VAL B 65 2.98 -27.48 -12.90
N GLU B 66 1.97 -28.33 -12.69
CA GLU B 66 0.64 -28.01 -13.20
C GLU B 66 0.04 -26.80 -12.51
N ASP B 67 0.32 -26.66 -11.22
CA ASP B 67 -0.16 -25.49 -10.49
C ASP B 67 0.56 -24.19 -10.95
N ALA B 68 1.83 -24.33 -11.33
CA ALA B 68 2.58 -23.19 -11.91
C ALA B 68 1.94 -22.72 -13.20
N LYS B 69 1.48 -23.67 -14.03
CA LYS B 69 0.81 -23.30 -15.27
C LYS B 69 -0.50 -22.56 -15.00
N VAL B 70 -1.23 -22.97 -13.97
CA VAL B 70 -2.44 -22.28 -13.59
C VAL B 70 -2.11 -20.85 -13.14
N GLU B 71 -1.13 -20.69 -12.26
CA GLU B 71 -0.76 -19.34 -11.82
C GLU B 71 -0.43 -18.46 -13.02
N ALA B 72 0.34 -19.00 -13.96
CA ALA B 72 0.75 -18.20 -15.12
C ALA B 72 -0.43 -17.83 -16.00
N ARG B 73 -1.37 -18.77 -16.16
CA ARG B 73 -2.59 -18.52 -16.91
C ARG B 73 -3.39 -17.38 -16.26
N ASP B 74 -3.53 -17.43 -14.94
CA ASP B 74 -4.23 -16.39 -14.18
C ASP B 74 -3.54 -15.02 -14.38
N PHE B 75 -2.21 -15.02 -14.30
CA PHE B 75 -1.37 -13.82 -14.46
C PHE B 75 -1.62 -13.20 -15.85
N TRP B 76 -1.51 -14.03 -16.89
CA TRP B 76 -1.76 -13.60 -18.27
C TRP B 76 -3.18 -13.04 -18.41
N ASN B 77 -4.17 -13.78 -17.89
CA ASN B 77 -5.56 -13.36 -18.06
C ASN B 77 -5.89 -12.05 -17.36
N ARG B 78 -5.34 -11.87 -16.17
CA ARG B 78 -5.58 -10.66 -15.35
C ARG B 78 -4.73 -9.45 -15.77
N GLY B 79 -3.58 -9.72 -16.40
CA GLY B 79 -2.64 -8.65 -16.77
C GLY B 79 -3.13 -7.95 -18.02
N ASP B 80 -2.67 -6.71 -18.18
CA ASP B 80 -3.03 -5.97 -19.37
C ASP B 80 -2.19 -6.43 -20.54
N LYS B 81 -2.83 -6.66 -21.69
CA LYS B 81 -2.07 -7.21 -22.82
C LYS B 81 -1.10 -6.23 -23.43
N ASP B 82 -1.21 -4.95 -23.08
CA ASP B 82 -0.25 -3.94 -23.55
C ASP B 82 1.00 -3.96 -22.67
N SER B 83 1.04 -4.85 -21.67
CA SER B 83 2.26 -5.05 -20.89
CA SER B 83 2.24 -5.04 -20.89
C SER B 83 3.45 -5.25 -21.82
N LEU B 84 4.52 -4.53 -21.56
CA LEU B 84 5.72 -4.68 -22.38
C LEU B 84 6.44 -6.01 -22.13
N PHE B 85 6.33 -6.50 -20.90
CA PHE B 85 6.96 -7.73 -20.50
C PHE B 85 6.25 -8.20 -19.25
N TRP B 86 6.57 -9.44 -18.84
CA TRP B 86 5.85 -10.17 -17.80
C TRP B 86 6.90 -10.80 -16.90
N VAL B 87 6.79 -10.62 -15.59
CA VAL B 87 7.83 -11.09 -14.68
C VAL B 87 7.31 -12.09 -13.68
N ALA B 88 8.01 -13.20 -13.54
CA ALA B 88 7.80 -14.16 -12.45
C ALA B 88 8.62 -13.68 -11.28
N ASP B 89 7.95 -13.38 -10.16
CA ASP B 89 8.61 -12.91 -8.95
C ASP B 89 8.62 -14.08 -7.99
N VAL B 90 9.77 -14.72 -7.84
CA VAL B 90 9.90 -15.91 -6.98
C VAL B 90 10.77 -15.62 -5.76
N GLU B 91 10.20 -15.75 -4.57
CA GLU B 91 10.91 -15.33 -3.35
C GLU B 91 10.80 -16.33 -2.21
N VAL B 92 9.74 -17.15 -2.26
CA VAL B 92 9.42 -18.11 -1.17
C VAL B 92 9.42 -19.51 -1.76
N THR B 93 9.93 -20.49 -1.00
CA THR B 93 9.99 -21.86 -1.48
C THR B 93 8.61 -22.48 -1.30
N THR B 94 7.78 -22.42 -2.34
CA THR B 94 6.42 -22.98 -2.25
C THR B 94 6.31 -24.39 -2.81
N MET B 95 7.28 -24.80 -3.62
CA MET B 95 7.49 -26.20 -3.96
C MET B 95 9.00 -26.47 -3.87
N SER B 96 9.38 -27.70 -3.56
CA SER B 96 10.81 -27.94 -3.33
C SER B 96 11.63 -27.65 -4.58
N ASP B 97 11.22 -28.22 -5.71
CA ASP B 97 11.89 -28.02 -7.00
C ASP B 97 11.45 -26.72 -7.65
N MET B 98 11.89 -25.61 -7.08
CA MET B 98 11.49 -24.29 -7.59
C MET B 98 11.93 -24.02 -9.04
N ARG B 99 13.07 -24.56 -9.46
CA ARG B 99 13.53 -24.35 -10.84
C ARG B 99 12.50 -24.91 -11.83
N ALA B 100 12.02 -26.12 -11.56
CA ALA B 100 11.04 -26.74 -12.44
C ALA B 100 9.72 -25.96 -12.51
N GLY B 101 9.25 -25.52 -11.35
CA GLY B 101 8.01 -24.76 -11.27
C GLY B 101 8.17 -23.42 -11.99
N THR B 102 9.31 -22.77 -11.75
CA THR B 102 9.49 -21.44 -12.33
C THR B 102 9.57 -21.53 -13.85
N GLN B 103 10.33 -22.51 -14.35
CA GLN B 103 10.41 -22.68 -15.80
C GLN B 103 9.03 -23.00 -16.40
N ALA B 104 8.21 -23.77 -15.67
CA ALA B 104 6.88 -24.11 -16.17
C ALA B 104 6.00 -22.85 -16.28
N PHE B 105 6.06 -22.02 -15.24
CA PHE B 105 5.33 -20.73 -15.21
C PHE B 105 5.76 -19.90 -16.41
N ILE B 106 7.07 -19.74 -16.57
CA ILE B 106 7.61 -18.94 -17.68
C ILE B 106 7.22 -19.50 -19.05
N ASP B 107 7.36 -20.81 -19.22
CA ASP B 107 7.00 -21.45 -20.50
C ASP B 107 5.51 -21.31 -20.83
N GLU B 108 4.65 -21.35 -19.81
CA GLU B 108 3.23 -21.13 -20.04
C GLU B 108 2.98 -19.72 -20.55
N LEU B 109 3.66 -18.72 -19.97
CA LEU B 109 3.53 -17.37 -20.49
C LEU B 109 3.90 -17.29 -21.97
N TYR B 110 5.03 -17.90 -22.33
CA TYR B 110 5.46 -17.87 -23.73
C TYR B 110 4.43 -18.57 -24.60
N ARG B 111 3.99 -19.74 -24.15
CA ARG B 111 2.96 -20.49 -24.85
C ARG B 111 1.71 -19.63 -25.13
N LEU B 112 1.31 -18.83 -24.14
CA LEU B 112 0.08 -18.03 -24.24
C LEU B 112 0.26 -16.84 -25.16
N GLY B 113 1.51 -16.47 -25.42
CA GLY B 113 1.77 -15.35 -26.33
C GLY B 113 2.61 -14.21 -25.79
N ALA B 114 2.99 -14.24 -24.51
CA ALA B 114 3.91 -13.24 -23.96
C ALA B 114 5.18 -13.22 -24.76
N LYS B 115 5.62 -12.04 -25.16
CA LYS B 115 6.83 -11.95 -25.98
C LYS B 115 8.10 -11.77 -25.17
N LYS B 116 7.99 -11.07 -24.03
CA LYS B 116 9.15 -10.81 -23.16
C LYS B 116 8.81 -11.20 -21.74
N VAL B 117 9.63 -12.09 -21.17
CA VAL B 117 9.39 -12.62 -19.83
C VAL B 117 10.67 -12.50 -19.00
N GLY B 118 10.54 -12.03 -17.76
CA GLY B 118 11.69 -11.87 -16.87
C GLY B 118 11.51 -12.65 -15.60
N LEU B 119 12.60 -12.75 -14.85
CA LEU B 119 12.62 -13.45 -13.57
C LEU B 119 13.17 -12.52 -12.51
N TYR B 120 12.40 -12.29 -11.45
CA TYR B 120 12.86 -11.55 -10.27
C TYR B 120 13.09 -12.63 -9.22
N VAL B 121 14.31 -12.71 -8.71
CA VAL B 121 14.60 -13.79 -7.75
C VAL B 121 15.07 -13.21 -6.42
N GLY B 122 14.33 -13.56 -5.36
CA GLY B 122 14.56 -13.02 -4.04
C GLY B 122 15.96 -13.28 -3.56
N HIS B 123 16.44 -12.39 -2.71
CA HIS B 123 17.76 -12.51 -2.17
C HIS B 123 17.81 -13.75 -1.29
N HIS B 124 18.91 -14.50 -1.43
CA HIS B 124 19.16 -15.78 -0.78
C HIS B 124 18.57 -16.98 -1.52
N LYS B 125 17.96 -16.73 -2.68
CA LYS B 125 17.27 -17.81 -3.39
C LYS B 125 17.87 -18.12 -4.75
N TYR B 126 18.85 -17.33 -5.19
CA TYR B 126 19.35 -17.47 -6.57
C TYR B 126 19.85 -18.89 -6.82
N GLU B 127 20.61 -19.40 -5.87
CA GLU B 127 21.15 -20.76 -6.00
C GLU B 127 20.07 -21.82 -5.75
N GLU B 128 19.29 -21.67 -4.68
CA GLU B 128 18.27 -22.66 -4.34
C GLU B 128 17.29 -22.84 -5.49
N PHE B 129 16.91 -21.73 -6.13
CA PHE B 129 15.88 -21.81 -7.16
C PHE B 129 16.44 -22.12 -8.55
N GLY B 130 17.76 -22.30 -8.64
CA GLY B 130 18.43 -22.61 -9.91
C GLY B 130 18.24 -21.51 -10.96
N ALA B 131 18.36 -20.26 -10.51
CA ALA B 131 18.12 -19.12 -11.38
C ALA B 131 19.06 -19.12 -12.58
N ALA B 132 20.29 -19.63 -12.38
CA ALA B 132 21.25 -19.66 -13.49
C ALA B 132 20.80 -20.57 -14.62
N GLN B 133 19.91 -21.52 -14.30
CA GLN B 133 19.41 -22.52 -15.26
C GLN B 133 18.11 -22.10 -15.94
N ILE B 134 17.50 -21.03 -15.45
CA ILE B 134 16.23 -20.55 -15.98
C ILE B 134 16.42 -19.88 -17.34
N LYS B 135 15.52 -20.18 -18.28
CA LYS B 135 15.57 -19.64 -19.63
C LYS B 135 14.45 -18.63 -19.81
N CYS B 136 14.83 -17.35 -19.86
CA CYS B 136 13.89 -16.28 -20.14
C CYS B 136 14.64 -15.07 -20.66
N ASP B 137 13.96 -13.95 -20.85
CA ASP B 137 14.59 -12.83 -21.56
C ASP B 137 15.52 -12.00 -20.69
N PHE B 138 15.18 -11.87 -19.42
CA PHE B 138 15.97 -11.05 -18.52
C PHE B 138 15.82 -11.48 -17.08
N THR B 139 16.84 -11.17 -16.28
CA THR B 139 16.80 -11.44 -14.85
C THR B 139 16.88 -10.12 -14.08
N TRP B 140 16.24 -10.11 -12.92
CA TRP B 140 16.09 -8.91 -12.12
C TRP B 140 16.39 -9.32 -10.68
N ILE B 141 17.35 -8.67 -10.03
CA ILE B 141 17.82 -9.11 -8.69
C ILE B 141 17.81 -7.93 -7.72
N PRO B 142 17.28 -8.17 -6.51
CA PRO B 142 17.35 -7.17 -5.47
C PRO B 142 18.65 -7.29 -4.68
N ARG B 143 19.30 -6.15 -4.44
CA ARG B 143 20.46 -6.15 -3.54
C ARG B 143 20.57 -4.74 -3.02
N TYR B 144 20.51 -4.60 -1.69
CA TYR B 144 20.42 -3.28 -1.07
C TYR B 144 21.71 -3.05 -0.31
N GLY B 145 22.36 -1.92 -0.60
CA GLY B 145 23.62 -1.58 0.06
C GLY B 145 24.85 -2.30 -0.48
N ALA B 146 24.67 -2.97 -1.63
CA ALA B 146 25.75 -3.66 -2.36
C ALA B 146 25.23 -3.99 -3.76
N LYS B 147 26.13 -4.18 -4.72
CA LYS B 147 25.66 -4.57 -6.04
C LYS B 147 25.41 -6.07 -6.13
N PRO B 148 24.53 -6.50 -7.06
CA PRO B 148 24.31 -7.93 -7.19
C PRO B 148 25.58 -8.71 -7.55
N ALA B 149 25.64 -9.94 -7.02
CA ALA B 149 26.76 -10.86 -7.27
C ALA B 149 26.49 -11.85 -8.40
N TYR B 150 25.37 -11.70 -9.06
CA TYR B 150 25.05 -12.50 -10.22
C TYR B 150 24.65 -11.58 -11.36
N PRO B 151 24.73 -12.06 -12.62
CA PRO B 151 24.37 -11.18 -13.73
C PRO B 151 22.90 -10.87 -13.68
N CYS B 152 22.53 -9.63 -13.97
CA CYS B 152 21.12 -9.26 -14.04
C CYS B 152 20.98 -8.00 -14.88
N ASP B 153 19.92 -7.97 -15.66
CA ASP B 153 19.66 -6.82 -16.51
C ASP B 153 19.01 -5.69 -15.73
N LEU B 154 18.33 -6.03 -14.63
CA LEU B 154 17.70 -5.02 -13.78
C LEU B 154 18.07 -5.30 -12.33
N TRP B 155 18.45 -4.24 -11.61
CA TRP B 155 18.92 -4.32 -10.23
C TRP B 155 17.98 -3.48 -9.37
N GLN B 156 17.27 -4.13 -8.44
CA GLN B 156 16.45 -3.40 -7.49
C GLN B 156 17.38 -3.00 -6.37
N TYR B 157 17.63 -1.69 -6.26
CA TYR B 157 18.68 -1.22 -5.36
C TYR B 157 18.26 -0.47 -4.09
N ASP B 158 16.98 -0.09 -4.00
CA ASP B 158 16.53 0.75 -2.90
C ASP B 158 15.03 0.56 -2.72
N GLU B 159 14.63 0.09 -1.54
CA GLU B 159 13.22 -0.09 -1.25
C GLU B 159 12.66 1.12 -0.50
N TYR B 160 13.51 2.14 -0.28
CA TYR B 160 13.12 3.37 0.39
C TYR B 160 13.29 4.62 -0.49
N GLY B 161 13.20 4.44 -1.81
CA GLY B 161 13.24 5.57 -2.74
C GLY B 161 12.07 6.51 -2.53
N GLN B 162 12.23 7.76 -2.98
CA GLN B 162 11.16 8.73 -2.91
C GLN B 162 11.04 9.33 -4.30
N VAL B 163 9.88 9.15 -4.91
CA VAL B 163 9.60 9.64 -6.27
C VAL B 163 8.43 10.63 -6.26
N PRO B 164 8.65 11.85 -6.76
CA PRO B 164 7.55 12.81 -6.79
C PRO B 164 6.29 12.22 -7.41
N GLY B 165 5.15 12.40 -6.74
CA GLY B 165 3.89 11.89 -7.26
C GLY B 165 3.54 10.50 -6.75
N ILE B 166 4.54 9.81 -6.18
CA ILE B 166 4.37 8.43 -5.71
C ILE B 166 4.69 8.29 -4.23
N GLY B 167 5.80 8.91 -3.80
CA GLY B 167 6.29 8.75 -2.44
C GLY B 167 7.27 7.59 -2.30
N LYS B 168 7.19 6.87 -1.20
CA LYS B 168 8.10 5.73 -0.95
C LYS B 168 7.89 4.64 -1.99
N CYS B 169 8.99 4.18 -2.60
CA CYS B 169 8.88 3.10 -3.55
C CYS B 169 10.20 2.41 -3.85
N ASP B 170 10.09 1.30 -4.58
CA ASP B 170 11.20 0.47 -4.97
C ASP B 170 11.79 1.02 -6.25
N LEU B 171 13.09 1.29 -6.20
CA LEU B 171 13.83 1.81 -7.34
C LEU B 171 14.76 0.78 -7.95
N ASN B 172 14.85 0.82 -9.28
CA ASN B 172 15.63 -0.15 -10.06
C ASN B 172 16.54 0.56 -11.07
N ARG B 173 17.68 -0.08 -11.36
CA ARG B 173 18.55 0.45 -12.42
C ARG B 173 18.97 -0.68 -13.35
N LEU B 174 19.21 -0.32 -14.60
CA LEU B 174 19.74 -1.25 -15.58
C LEU B 174 21.15 -1.66 -15.15
N ASN B 175 21.48 -2.93 -15.36
CA ASN B 175 22.72 -3.50 -14.82
C ASN B 175 23.35 -4.60 -15.68
N GLY B 176 22.86 -4.76 -16.90
CA GLY B 176 23.20 -5.95 -17.68
C GLY B 176 23.38 -5.63 -19.15
N ASP B 177 22.76 -6.45 -20.00
CA ASP B 177 22.95 -6.35 -21.45
C ASP B 177 21.72 -5.87 -22.21
N LYS B 178 20.70 -5.44 -21.48
CA LYS B 178 19.45 -4.93 -22.08
C LYS B 178 19.34 -3.44 -21.83
N SER B 179 18.97 -2.69 -22.87
CA SER B 179 18.85 -1.23 -22.79
C SER B 179 17.47 -0.78 -22.33
N LEU B 180 17.37 0.50 -21.95
CA LEU B 180 16.05 1.02 -21.58
C LEU B 180 15.11 0.93 -22.77
N ASP B 181 15.65 1.19 -23.98
CA ASP B 181 14.86 1.07 -25.21
C ASP B 181 14.24 -0.31 -25.34
N TRP B 182 14.99 -1.35 -24.96
CA TRP B 182 14.48 -2.73 -25.03
C TRP B 182 13.31 -2.91 -24.09
N PHE B 183 13.43 -2.41 -22.87
CA PHE B 183 12.37 -2.59 -21.89
C PHE B 183 11.13 -1.77 -22.21
N THR B 184 11.31 -0.64 -22.89
CA THR B 184 10.19 0.28 -23.06
C THR B 184 9.56 0.13 -24.43
N GLY B 185 10.14 -0.73 -25.26
CA GLY B 185 9.61 -0.98 -26.58
C GLY B 185 9.96 0.13 -27.57
N LYS B 186 10.89 1.01 -27.18
CA LYS B 186 11.33 2.10 -28.06
C LYS B 186 12.39 1.67 -29.06
N GLY B 187 13.04 0.54 -28.79
CA GLY B 187 14.17 0.11 -29.62
C GLY B 187 14.74 -1.21 -29.15
N GLU B 188 16.02 -1.44 -29.44
CA GLU B 188 16.68 -2.72 -29.17
C GLU B 188 18.02 -2.55 -28.46
N GLU B 189 19.01 -1.94 -29.13
CA GLU B 189 20.33 -1.74 -28.51
C GLU B 189 20.27 -0.59 -27.51
#